data_3QG7
#
_entry.id   3QG7
#
_cell.length_a   183.182
_cell.length_b   183.182
_cell.length_c   42.594
_cell.angle_alpha   90.00
_cell.angle_beta   90.00
_cell.angle_gamma   120.00
#
_symmetry.space_group_name_H-M   'H 3'
#
loop_
_entity.id
_entity.type
_entity.pdbx_description
1 polymer 'AP4-24H11 Antibody Heavy Chain'
2 polymer 'AP4-24H11 Antibody Light Chain'
3 non-polymer 'HEXAETHYLENE GLYCOL'
4 non-polymer 'SODIUM ION'
5 water water
#
loop_
_entity_poly.entity_id
_entity_poly.type
_entity_poly.pdbx_seq_one_letter_code
_entity_poly.pdbx_strand_id
1 'polypeptide(L)'
;DVQLQESGPGLVKPSQSLSLTCTVTGYSITSNYAWNWIRQFPGNKLEWMGFISSYGTTTYNPSLKSRFSITRDTSKNQFF
LQLHSVTIEDTGTYFCTREGDYWGQGTTLTVSSAKTTAPSVYPLAPVCGDTTGSSVTLGCLVKGYFPEPVTLTWNSGSLS
SGVHTFPAVLQSDLYTLSSSVTVTSSTWPSQSITCNVAHPASSTKVDKKIEPS
;
H
2 'polypeptide(L)'
;DVVLTQTPLSLPVSLGDQASISCRSSQRLVHSNGNIYLHWFLQKPGQSPKLLIYKLSSRFSGVPDRFSGSGSGTDFTLKI
SRVESEDLGIYYCSQTTHVPYTFGGGTKLEIKRADAAPTVSIFPPSSEQLTSGGASVVCFLNNFYPKDINVKWKIDGSER
QNGVLNSWTDQDSKDSTYSMSSTLTLTKDEYERHNSYTCEATHKTSTSPIVKSFNR
;
L
#
# COMPACT_ATOMS: atom_id res chain seq x y z
N ASP A 1 17.69 -18.52 -8.31
CA ASP A 1 17.90 -17.77 -7.06
C ASP A 1 16.83 -18.14 -6.03
N VAL A 2 17.04 -17.60 -4.85
CA VAL A 2 16.19 -17.88 -3.70
C VAL A 2 14.89 -17.12 -3.79
N GLN A 3 13.79 -17.86 -3.72
CA GLN A 3 12.45 -17.27 -3.73
C GLN A 3 11.63 -17.73 -2.52
N LEU A 4 10.87 -16.80 -1.98
CA LEU A 4 10.00 -17.05 -0.83
C LEU A 4 8.58 -16.57 -1.09
N GLN A 5 7.65 -17.50 -0.94
CA GLN A 5 6.22 -17.22 -1.12
C GLN A 5 5.39 -17.55 0.10
N GLU A 6 4.77 -16.50 0.62
CA GLU A 6 3.83 -16.59 1.76
C GLU A 6 2.47 -17.01 1.30
N SER A 7 1.83 -17.75 2.17
CA SER A 7 0.39 -17.97 2.06
C SER A 7 -0.29 -18.14 3.40
N GLY A 8 -1.60 -17.98 3.36
CA GLY A 8 -2.43 -17.91 4.57
C GLY A 8 -3.92 -17.85 4.33
N PRO A 9 -4.69 -17.82 5.41
CA PRO A 9 -6.13 -18.01 5.38
C PRO A 9 -6.88 -16.73 5.09
N GLY A 10 -6.15 -15.62 5.12
CA GLY A 10 -6.73 -14.30 4.87
C GLY A 10 -7.45 -13.69 6.06
N LEU A 11 -8.73 -14.02 6.18
CA LEU A 11 -9.57 -13.51 7.27
C LEU A 11 -9.84 -14.55 8.33
N VAL A 12 -9.78 -14.10 9.57
CA VAL A 12 -10.09 -14.94 10.73
C VAL A 12 -10.62 -14.11 11.90
N LYS A 13 -11.40 -14.76 12.74
CA LYS A 13 -11.96 -14.12 13.95
C LYS A 13 -10.98 -14.16 15.11
N PRO A 14 -11.15 -13.24 16.06
CA PRO A 14 -10.33 -13.22 17.27
C PRO A 14 -10.43 -14.52 18.02
N SER A 15 -9.29 -14.89 18.59
CA SER A 15 -9.18 -16.08 19.44
C SER A 15 -8.96 -17.29 18.57
N GLN A 16 -8.91 -17.05 17.28
CA GLN A 16 -8.62 -18.10 16.31
C GLN A 16 -7.15 -18.47 16.35
N SER A 17 -6.91 -19.77 16.42
CA SER A 17 -5.57 -20.32 16.30
C SER A 17 -5.38 -20.64 14.82
N LEU A 18 -4.14 -20.53 14.34
CA LEU A 18 -3.88 -20.21 12.95
C LEU A 18 -2.42 -20.34 12.58
N SER A 19 -2.18 -20.59 11.30
CA SER A 19 -0.81 -20.73 10.80
C SER A 19 -0.62 -20.17 9.41
N LEU A 20 0.54 -19.56 9.23
CA LEU A 20 0.93 -18.99 7.95
C LEU A 20 2.07 -19.81 7.38
N THR A 21 2.14 -19.80 6.05
CA THR A 21 3.13 -20.60 5.33
C THR A 21 4.12 -19.78 4.53
N CYS A 22 5.36 -20.20 4.66
CA CYS A 22 6.44 -19.73 3.80
C CYS A 22 7.02 -20.91 3.08
N THR A 23 6.89 -20.84 1.77
CA THR A 23 7.42 -21.84 0.88
C THR A 23 8.63 -21.27 0.20
N VAL A 24 9.75 -21.93 0.45
CA VAL A 24 11.04 -21.51 -0.07
C VAL A 24 11.45 -22.40 -1.24
N THR A 25 11.99 -21.76 -2.26
CA THR A 25 12.56 -22.50 -3.39
C THR A 25 13.91 -21.94 -3.80
N GLY A 26 14.75 -22.84 -4.26
CA GLY A 26 16.02 -22.50 -4.84
C GLY A 26 17.08 -22.49 -3.76
N TYR A 27 16.64 -22.79 -2.56
CA TYR A 27 17.54 -22.83 -1.39
C TYR A 27 16.94 -23.58 -0.21
N SER A 28 17.75 -24.45 0.38
CA SER A 28 17.33 -25.30 1.51
C SER A 28 17.46 -24.58 2.83
N ILE A 29 16.40 -24.75 3.62
CA ILE A 29 16.21 -24.05 4.89
C ILE A 29 17.00 -24.76 5.98
N THR A 30 17.59 -25.87 5.57
CA THR A 30 18.46 -26.67 6.45
C THR A 30 19.91 -26.30 6.21
N SER A 31 20.16 -25.82 5.00
CA SER A 31 21.52 -25.51 4.56
C SER A 31 22.16 -24.53 5.49
N ASN A 32 21.66 -23.32 5.41
CA ASN A 32 22.20 -22.21 6.18
C ASN A 32 21.26 -21.04 6.37
N TYR A 33 21.68 -20.18 7.28
CA TYR A 33 20.98 -18.93 7.58
C TYR A 33 19.80 -19.09 8.51
N ALA A 34 19.30 -17.93 8.91
CA ALA A 34 18.12 -17.77 9.74
C ALA A 34 16.95 -17.34 8.89
N TRP A 35 15.80 -17.87 9.28
CA TRP A 35 14.56 -17.77 8.51
C TRP A 35 13.47 -17.12 9.34
N ASN A 36 13.15 -15.90 8.92
CA ASN A 36 12.36 -14.97 9.72
C ASN A 36 10.95 -14.78 9.29
N TRP A 37 10.18 -14.37 10.30
CA TRP A 37 8.85 -13.78 10.12
C TRP A 37 8.84 -12.38 10.64
N ILE A 38 8.37 -11.52 9.76
CA ILE A 38 8.27 -10.08 10.01
C ILE A 38 6.88 -9.58 9.73
N ARG A 39 6.48 -8.59 10.50
CA ARG A 39 5.12 -8.10 10.44
C ARG A 39 5.05 -6.61 10.19
N GLN A 40 4.24 -6.25 9.22
CA GLN A 40 3.99 -4.85 8.90
C GLN A 40 2.57 -4.47 9.18
N PHE A 41 2.42 -3.49 10.06
CA PHE A 41 1.11 -2.96 10.48
C PHE A 41 0.69 -1.79 9.59
N PRO A 42 -0.61 -1.48 9.58
CA PRO A 42 -0.97 -0.23 8.92
C PRO A 42 -0.33 0.92 9.63
N GLY A 43 0.24 1.81 8.83
CA GLY A 43 1.05 2.91 9.33
C GLY A 43 2.47 2.60 8.91
N ASN A 44 2.58 1.38 8.41
CA ASN A 44 3.79 0.86 7.74
C ASN A 44 4.90 0.40 8.66
N LYS A 45 4.64 0.47 9.95
CA LYS A 45 5.62 0.02 10.96
C LYS A 45 5.90 -1.47 10.90
N LEU A 46 7.20 -1.77 10.86
CA LEU A 46 7.73 -3.13 10.75
C LEU A 46 8.17 -3.67 12.10
N GLU A 47 7.84 -4.93 12.30
CA GLU A 47 8.12 -5.63 13.55
C GLU A 47 8.63 -7.04 13.32
N TRP A 48 9.78 -7.32 13.91
CA TRP A 48 10.39 -8.65 13.85
C TRP A 48 9.86 -9.54 14.94
N MET A 49 9.36 -10.69 14.49
CA MET A 49 8.67 -11.65 15.35
C MET A 49 9.60 -12.75 15.81
N GLY A 50 10.40 -13.25 14.88
CA GLY A 50 11.32 -14.36 15.18
C GLY A 50 11.93 -15.01 13.97
N PHE A 51 12.82 -15.94 14.24
CA PHE A 51 13.36 -16.84 13.21
C PHE A 51 13.55 -18.25 13.71
N ILE A 52 13.67 -19.12 12.72
CA ILE A 52 14.06 -20.49 12.93
C ILE A 52 15.40 -20.70 12.23
N SER A 53 16.38 -21.12 13.02
CA SER A 53 17.71 -21.43 12.49
C SER A 53 17.59 -22.61 11.55
N SER A 54 18.72 -22.87 10.93
CA SER A 54 18.81 -23.93 9.93
C SER A 54 18.93 -25.25 10.66
N TYR A 55 19.01 -25.12 11.98
CA TYR A 55 19.18 -26.27 12.90
C TYR A 55 17.83 -26.67 13.46
N GLY A 56 16.85 -25.83 13.17
CA GLY A 56 15.46 -26.08 13.56
C GLY A 56 15.16 -25.49 14.92
N THR A 57 16.11 -24.72 15.41
CA THR A 57 15.97 -24.02 16.69
C THR A 57 15.51 -22.60 16.44
N THR A 58 14.71 -22.10 17.39
CA THR A 58 14.02 -20.81 17.25
C THR A 58 14.42 -19.74 18.23
N THR A 59 14.31 -18.51 17.75
CA THR A 59 14.53 -17.30 18.54
C THR A 59 13.44 -16.27 18.30
N TYR A 60 12.84 -15.85 19.40
CA TYR A 60 11.65 -14.97 19.37
C TYR A 60 11.82 -13.60 20.01
N ASN A 61 10.91 -12.72 19.59
CA ASN A 61 10.82 -11.38 20.14
C ASN A 61 10.11 -11.39 21.49
N PRO A 62 10.85 -11.18 22.58
CA PRO A 62 10.27 -11.38 23.91
C PRO A 62 9.43 -10.22 24.34
N SER A 63 9.46 -9.17 23.52
CA SER A 63 8.78 -7.90 23.81
C SER A 63 7.37 -7.84 23.23
N LEU A 64 6.83 -9.00 22.91
CA LEU A 64 5.50 -9.04 22.28
C LEU A 64 4.47 -9.74 23.14
N LYS A 65 3.23 -9.33 22.92
CA LYS A 65 2.05 -9.91 23.59
C LYS A 65 1.61 -11.16 22.86
N SER A 66 1.69 -11.11 21.54
CA SER A 66 1.23 -12.21 20.71
C SER A 66 1.89 -13.51 21.11
N ARG A 67 1.04 -14.53 21.14
CA ARG A 67 1.46 -15.91 21.39
C ARG A 67 1.68 -16.58 20.07
N PHE A 68 2.90 -17.04 19.88
CA PHE A 68 3.28 -17.66 18.62
C PHE A 68 4.51 -18.50 18.69
N SER A 69 4.68 -19.25 17.63
CA SER A 69 5.87 -20.04 17.41
C SER A 69 6.16 -20.18 15.94
N ILE A 70 7.34 -20.70 15.68
CA ILE A 70 7.81 -20.96 14.33
C ILE A 70 8.28 -22.39 14.21
N THR A 71 7.78 -23.02 13.16
CA THR A 71 8.11 -24.40 12.86
C THR A 71 8.41 -24.58 11.39
N ARG A 72 8.90 -25.77 11.08
CA ARG A 72 9.27 -26.10 9.70
C ARG A 72 8.92 -27.51 9.27
N ASP A 73 9.11 -27.68 7.97
CA ASP A 73 9.01 -28.97 7.29
C ASP A 73 10.09 -29.02 6.25
N THR A 74 11.16 -29.71 6.60
CA THR A 74 12.38 -29.65 5.81
C THR A 74 12.17 -30.30 4.46
N SER A 75 11.19 -31.20 4.39
CA SER A 75 10.99 -32.00 3.18
C SER A 75 10.30 -31.22 2.09
N LYS A 76 9.34 -30.38 2.47
CA LYS A 76 8.61 -29.58 1.50
C LYS A 76 9.26 -28.23 1.41
N ASN A 77 10.31 -28.13 2.22
CA ASN A 77 11.13 -26.92 2.35
C ASN A 77 10.31 -25.69 2.70
N GLN A 78 9.45 -25.86 3.69
CA GLN A 78 8.65 -24.77 4.23
C GLN A 78 8.91 -24.51 5.69
N PHE A 79 8.72 -23.26 6.05
CA PHE A 79 8.56 -22.91 7.47
C PHE A 79 7.27 -22.16 7.71
N PHE A 80 6.88 -22.16 8.98
CA PHE A 80 5.53 -21.76 9.39
C PHE A 80 5.52 -20.85 10.60
N LEU A 81 4.56 -19.92 10.54
CA LEU A 81 4.27 -19.03 11.66
C LEU A 81 2.94 -19.44 12.21
N GLN A 82 2.97 -19.94 13.43
CA GLN A 82 1.75 -20.35 14.12
C GLN A 82 1.38 -19.31 15.18
N LEU A 83 0.19 -18.73 14.99
CA LEU A 83 -0.38 -17.73 15.89
C LEU A 83 -1.51 -18.35 16.68
N HIS A 84 -1.44 -18.19 18.00
CA HIS A 84 -2.16 -19.07 18.92
C HIS A 84 -3.54 -18.57 19.31
N SER A 85 -3.69 -17.26 19.35
CA SER A 85 -5.03 -16.66 19.59
C SER A 85 -5.07 -15.23 19.18
N VAL A 86 -5.19 -15.06 17.88
CA VAL A 86 -5.10 -13.73 17.29
C VAL A 86 -6.13 -12.79 17.86
N THR A 87 -5.67 -11.55 17.98
CA THR A 87 -6.50 -10.43 18.34
C THR A 87 -6.61 -9.48 17.15
N ILE A 88 -7.42 -8.44 17.31
CA ILE A 88 -7.64 -7.48 16.23
C ILE A 88 -6.31 -6.86 15.87
N GLU A 89 -5.46 -6.75 16.88
CA GLU A 89 -4.19 -6.01 16.79
C GLU A 89 -3.11 -6.80 16.06
N ASP A 90 -3.49 -7.97 15.60
CA ASP A 90 -2.58 -8.85 14.85
C ASP A 90 -2.79 -8.68 13.36
N THR A 91 -3.78 -7.85 13.05
CA THR A 91 -4.07 -7.51 11.66
C THR A 91 -2.86 -6.83 11.09
N GLY A 92 -2.48 -7.29 9.91
CA GLY A 92 -1.34 -6.72 9.19
C GLY A 92 -0.81 -7.63 8.12
N THR A 93 0.26 -7.17 7.47
CA THR A 93 0.91 -7.96 6.44
C THR A 93 2.14 -8.64 6.98
N TYR A 94 2.14 -9.95 6.81
CA TYR A 94 3.20 -10.82 7.30
C TYR A 94 4.14 -11.26 6.20
N PHE A 95 5.42 -10.99 6.43
CA PHE A 95 6.49 -11.36 5.51
C PHE A 95 7.37 -12.44 6.08
N CYS A 96 7.80 -13.32 5.20
CA CYS A 96 8.82 -14.30 5.54
C CYS A 96 10.11 -13.99 4.80
N THR A 97 11.19 -14.50 5.37
CA THR A 97 12.52 -13.99 5.08
C THR A 97 13.64 -14.94 5.41
N ARG A 98 14.60 -14.93 4.51
CA ARG A 98 15.94 -15.42 4.80
C ARG A 98 16.74 -14.22 5.24
N GLU A 99 16.93 -14.14 6.55
CA GLU A 99 17.72 -13.09 7.17
C GLU A 99 17.10 -11.73 6.88
N GLY A 100 17.61 -11.08 5.86
CA GLY A 100 16.99 -9.83 5.42
C GLY A 100 17.16 -9.56 3.95
N ASP A 101 17.73 -10.51 3.25
CA ASP A 101 18.18 -10.30 1.89
C ASP A 101 17.21 -10.86 0.89
N TYR A 102 16.28 -11.67 1.39
CA TYR A 102 15.22 -12.23 0.57
C TYR A 102 13.88 -12.23 1.27
N TRP A 103 12.92 -11.57 0.63
CA TRP A 103 11.56 -11.46 1.14
C TRP A 103 10.52 -12.01 0.18
N GLY A 104 9.42 -12.45 0.77
CA GLY A 104 8.23 -12.81 0.01
C GLY A 104 7.42 -11.57 -0.28
N GLN A 105 6.41 -11.75 -1.11
CA GLN A 105 5.53 -10.66 -1.49
C GLN A 105 4.86 -10.18 -0.22
N GLY A 106 4.36 -11.16 0.49
CA GLY A 106 3.64 -10.92 1.73
C GLY A 106 2.27 -11.54 1.68
N THR A 107 1.70 -11.72 2.86
CA THR A 107 0.36 -12.27 2.99
C THR A 107 -0.41 -11.52 4.04
N THR A 108 -1.62 -11.10 3.67
CA THR A 108 -2.47 -10.27 4.55
C THR A 108 -3.29 -11.09 5.53
N LEU A 109 -3.10 -10.79 6.80
CA LEU A 109 -3.93 -11.35 7.87
C LEU A 109 -4.84 -10.28 8.42
N THR A 110 -6.14 -10.55 8.33
CA THR A 110 -7.14 -9.68 8.90
C THR A 110 -7.86 -10.42 10.00
N VAL A 111 -7.85 -9.81 11.18
CA VAL A 111 -8.53 -10.36 12.34
C VAL A 111 -9.77 -9.54 12.66
N SER A 112 -10.90 -10.08 12.24
CA SER A 112 -12.19 -9.42 12.38
C SER A 112 -13.31 -10.41 12.59
N SER A 113 -14.32 -9.92 13.31
CA SER A 113 -15.52 -10.70 13.59
C SER A 113 -16.58 -10.27 12.61
N ALA A 114 -16.16 -9.40 11.71
CA ALA A 114 -17.01 -8.98 10.57
C ALA A 114 -17.16 -10.13 9.61
N LYS A 115 -18.28 -10.13 8.91
CA LYS A 115 -18.61 -11.18 7.93
C LYS A 115 -18.23 -10.80 6.52
N THR A 116 -17.80 -11.82 5.80
CA THR A 116 -17.42 -11.70 4.39
C THR A 116 -18.57 -11.16 3.56
N THR A 117 -18.21 -10.26 2.67
CA THR A 117 -19.19 -9.66 1.78
C THR A 117 -18.68 -9.43 0.37
N ALA A 118 -19.50 -9.90 -0.56
CA ALA A 118 -19.30 -9.67 -1.99
C ALA A 118 -19.60 -8.20 -2.32
N PRO A 119 -18.81 -7.61 -3.21
CA PRO A 119 -19.01 -6.21 -3.50
C PRO A 119 -19.99 -5.93 -4.62
N SER A 120 -20.53 -4.73 -4.57
CA SER A 120 -21.30 -4.19 -5.69
C SER A 120 -20.36 -3.41 -6.56
N VAL A 121 -20.31 -3.81 -7.82
CA VAL A 121 -19.50 -3.12 -8.82
C VAL A 121 -20.37 -2.12 -9.58
N TYR A 122 -19.93 -0.89 -9.55
CA TYR A 122 -20.68 0.23 -10.10
C TYR A 122 -19.90 0.95 -11.18
N PRO A 123 -20.55 1.14 -12.34
CA PRO A 123 -19.93 1.83 -13.47
C PRO A 123 -20.12 3.32 -13.43
N LEU A 124 -19.00 4.01 -13.47
CA LEU A 124 -19.00 5.47 -13.52
C LEU A 124 -18.76 5.95 -14.94
N ALA A 125 -19.84 6.33 -15.60
CA ALA A 125 -19.79 6.92 -16.92
C ALA A 125 -20.02 8.42 -16.83
N PRO A 126 -19.33 9.19 -17.68
CA PRO A 126 -19.33 10.65 -17.63
C PRO A 126 -20.72 11.27 -17.67
N VAL A 127 -20.77 12.56 -17.42
CA VAL A 127 -22.02 13.32 -17.49
C VAL A 127 -22.28 13.84 -18.89
N GLY A 133 -13.35 17.45 -23.80
CA GLY A 133 -11.96 17.80 -24.08
C GLY A 133 -11.25 16.79 -24.96
N SER A 134 -9.94 16.73 -24.81
CA SER A 134 -9.08 15.94 -25.71
C SER A 134 -9.04 14.47 -25.29
N SER A 135 -9.12 14.24 -23.98
CA SER A 135 -9.14 12.88 -23.44
C SER A 135 -10.46 12.61 -22.75
N VAL A 136 -10.56 11.41 -22.18
CA VAL A 136 -11.78 10.98 -21.50
C VAL A 136 -11.47 10.14 -20.26
N THR A 137 -12.33 10.27 -19.27
CA THR A 137 -12.14 9.60 -17.99
C THR A 137 -13.37 8.82 -17.55
N LEU A 138 -13.16 7.55 -17.21
CA LEU A 138 -14.18 6.72 -16.59
C LEU A 138 -13.73 6.20 -15.25
N GLY A 139 -14.52 5.27 -14.72
CA GLY A 139 -14.39 4.89 -13.32
C GLY A 139 -15.10 3.61 -12.93
N CYS A 140 -14.56 2.97 -11.90
CA CYS A 140 -15.19 1.81 -11.29
C CYS A 140 -15.36 2.06 -9.80
N LEU A 141 -16.54 1.72 -9.29
CA LEU A 141 -16.83 1.81 -7.87
C LEU A 141 -17.18 0.44 -7.32
N VAL A 142 -16.20 -0.18 -6.67
CA VAL A 142 -16.40 -1.44 -5.96
C VAL A 142 -16.68 -1.11 -4.51
N LYS A 143 -17.90 -1.40 -4.07
CA LYS A 143 -18.37 -0.97 -2.76
C LYS A 143 -18.85 -2.11 -1.88
N GLY A 144 -18.54 -1.97 -0.59
CA GLY A 144 -19.19 -2.75 0.45
C GLY A 144 -18.81 -4.21 0.47
N TYR A 145 -17.53 -4.46 0.25
CA TYR A 145 -16.99 -5.82 0.31
C TYR A 145 -16.13 -6.04 1.54
N PHE A 146 -15.79 -7.30 1.76
CA PHE A 146 -15.00 -7.71 2.93
C PHE A 146 -14.65 -9.20 2.90
N PRO A 147 -13.39 -9.53 3.23
CA PRO A 147 -12.35 -8.51 3.35
C PRO A 147 -11.71 -8.24 1.99
N GLU A 148 -10.46 -7.80 2.03
CA GLU A 148 -9.63 -7.78 0.83
C GLU A 148 -8.63 -8.91 0.88
N PRO A 149 -7.81 -9.03 -0.15
CA PRO A 149 -7.72 -8.03 -1.19
C PRO A 149 -8.89 -8.06 -2.16
N VAL A 150 -8.75 -7.27 -3.22
CA VAL A 150 -9.63 -7.34 -4.39
C VAL A 150 -8.84 -7.08 -5.67
N THR A 151 -9.50 -7.30 -6.80
CA THR A 151 -8.81 -7.25 -8.11
C THR A 151 -9.57 -6.50 -9.17
N LEU A 152 -8.90 -5.49 -9.70
CA LEU A 152 -9.48 -4.61 -10.71
C LEU A 152 -8.57 -4.44 -11.90
N THR A 153 -9.09 -4.82 -13.05
CA THR A 153 -8.45 -4.54 -14.34
C THR A 153 -9.40 -3.92 -15.33
N TRP A 154 -8.78 -3.38 -16.36
CA TRP A 154 -9.49 -2.76 -17.48
C TRP A 154 -9.19 -3.51 -18.74
N ASN A 155 -10.27 -3.97 -19.35
CA ASN A 155 -10.23 -4.72 -20.60
C ASN A 155 -9.31 -5.91 -20.46
N SER A 156 -9.51 -6.58 -19.34
CA SER A 156 -8.89 -7.87 -19.02
C SER A 156 -7.40 -7.70 -18.85
N GLY A 157 -7.05 -6.46 -18.55
CA GLY A 157 -5.70 -6.11 -18.11
C GLY A 157 -4.86 -5.65 -19.28
N SER A 158 -5.50 -5.66 -20.45
CA SER A 158 -4.84 -5.25 -21.69
C SER A 158 -4.57 -3.77 -21.62
N LEU A 159 -5.62 -3.06 -21.25
CA LEU A 159 -5.56 -1.62 -20.99
C LEU A 159 -5.05 -1.38 -19.58
N SER A 160 -3.89 -0.73 -19.52
CA SER A 160 -3.19 -0.50 -18.25
C SER A 160 -2.60 0.90 -18.14
N SER A 161 -2.69 1.63 -19.25
CA SER A 161 -2.15 2.98 -19.35
C SER A 161 -3.21 4.02 -19.01
N GLY A 162 -2.80 4.93 -18.13
CA GLY A 162 -3.67 6.02 -17.70
C GLY A 162 -4.73 5.50 -16.77
N VAL A 163 -4.35 4.49 -16.01
CA VAL A 163 -5.22 3.93 -14.98
C VAL A 163 -4.76 4.31 -13.58
N HIS A 164 -5.75 4.47 -12.73
CA HIS A 164 -5.55 4.81 -11.32
C HIS A 164 -6.46 4.02 -10.40
N THR A 165 -5.88 3.01 -9.78
CA THR A 165 -6.55 2.20 -8.77
C THR A 165 -6.22 2.80 -7.42
N PHE A 166 -7.27 3.10 -6.67
CA PHE A 166 -7.11 3.75 -5.37
C PHE A 166 -7.23 2.76 -4.21
N PRO A 167 -6.37 2.92 -3.21
CA PRO A 167 -6.42 2.11 -2.00
C PRO A 167 -7.81 2.06 -1.40
N ALA A 168 -8.20 0.87 -0.98
CA ALA A 168 -9.49 0.67 -0.33
C ALA A 168 -9.54 1.40 0.99
N VAL A 169 -10.75 1.79 1.35
CA VAL A 169 -10.99 2.50 2.61
C VAL A 169 -12.19 1.92 3.34
N LEU A 170 -11.98 1.64 4.62
CA LEU A 170 -12.95 0.90 5.44
C LEU A 170 -13.94 1.80 6.18
N GLN A 171 -15.21 1.55 5.89
CA GLN A 171 -16.30 2.27 6.56
C GLN A 171 -17.35 1.29 7.05
N SER A 172 -17.40 1.14 8.36
CA SER A 172 -18.38 0.27 9.01
C SER A 172 -18.23 -1.17 8.53
N ASP A 173 -16.98 -1.60 8.60
CA ASP A 173 -16.58 -2.99 8.33
C ASP A 173 -16.90 -3.36 6.91
N LEU A 174 -16.96 -2.33 6.08
CA LEU A 174 -17.07 -2.50 4.64
C LEU A 174 -16.10 -1.61 3.89
N TYR A 175 -15.45 -2.23 2.91
CA TYR A 175 -14.45 -1.58 2.07
C TYR A 175 -15.08 -1.00 0.82
N THR A 176 -14.49 0.11 0.42
CA THR A 176 -14.88 0.78 -0.81
C THR A 176 -13.65 1.15 -1.61
N LEU A 177 -13.68 0.77 -2.86
CA LEU A 177 -12.55 0.95 -3.78
C LEU A 177 -13.02 1.48 -5.13
N SER A 178 -12.32 2.50 -5.58
CA SER A 178 -12.61 3.14 -6.88
C SER A 178 -11.42 3.10 -7.81
N SER A 179 -11.75 3.09 -9.09
CA SER A 179 -10.73 3.08 -10.15
C SER A 179 -11.02 4.05 -11.26
N SER A 180 -9.92 4.68 -11.66
CA SER A 180 -9.90 5.68 -12.73
C SER A 180 -9.13 5.15 -13.94
N VAL A 181 -9.57 5.63 -15.09
CA VAL A 181 -8.88 5.34 -16.35
C VAL A 181 -9.19 6.38 -17.41
N THR A 182 -8.13 6.92 -17.98
CA THR A 182 -8.25 7.95 -19.00
C THR A 182 -7.89 7.43 -20.38
N VAL A 183 -8.80 7.70 -21.30
CA VAL A 183 -8.60 7.42 -22.72
C VAL A 183 -9.01 8.59 -23.59
N THR A 184 -8.59 8.50 -24.84
CA THR A 184 -8.84 9.57 -25.82
C THR A 184 -10.29 9.51 -26.30
N SER A 185 -10.83 10.69 -26.57
CA SER A 185 -12.26 10.84 -26.88
C SER A 185 -12.67 9.94 -28.04
N SER A 186 -11.72 9.67 -28.92
CA SER A 186 -11.99 8.95 -30.15
C SER A 186 -12.07 7.46 -29.83
N THR A 187 -11.77 7.13 -28.59
CA THR A 187 -11.68 5.74 -28.14
C THR A 187 -12.99 5.24 -27.60
N TRP A 188 -13.64 6.12 -26.84
CA TRP A 188 -14.88 5.79 -26.15
C TRP A 188 -16.02 6.69 -26.62
N PRO A 189 -17.22 6.12 -26.74
CA PRO A 189 -17.40 4.69 -26.52
C PRO A 189 -17.54 3.92 -27.82
N SER A 190 -16.71 4.30 -28.78
CA SER A 190 -16.62 3.58 -30.07
C SER A 190 -16.00 2.21 -29.84
N GLN A 191 -15.08 2.19 -28.89
CA GLN A 191 -14.53 0.95 -28.37
C GLN A 191 -15.07 0.74 -26.96
N SER A 192 -15.39 -0.51 -26.68
CA SER A 192 -15.92 -0.89 -25.38
C SER A 192 -14.81 -0.97 -24.35
N ILE A 193 -15.10 -0.36 -23.21
CA ILE A 193 -14.24 -0.47 -22.03
C ILE A 193 -15.01 -1.11 -20.90
N THR A 194 -14.51 -2.26 -20.50
CA THR A 194 -15.10 -3.03 -19.41
C THR A 194 -14.18 -3.08 -18.22
N CYS A 195 -14.81 -3.04 -17.07
CA CYS A 195 -14.14 -3.10 -15.78
C CYS A 195 -14.25 -4.50 -15.21
N ASN A 196 -13.12 -4.96 -14.70
CA ASN A 196 -12.97 -6.37 -14.29
C ASN A 196 -12.68 -6.54 -12.82
N VAL A 197 -13.72 -6.90 -12.10
CA VAL A 197 -13.62 -7.07 -10.65
C VAL A 197 -13.56 -8.52 -10.24
N ALA A 198 -12.68 -8.77 -9.30
CA ALA A 198 -12.51 -10.10 -8.70
C ALA A 198 -12.28 -10.01 -7.19
N HIS A 199 -13.17 -10.64 -6.46
CA HIS A 199 -13.07 -10.78 -4.99
C HIS A 199 -13.01 -12.25 -4.59
N PRO A 200 -11.79 -12.79 -4.47
CA PRO A 200 -11.60 -14.22 -4.27
C PRO A 200 -12.27 -14.68 -2.99
N ALA A 201 -12.32 -13.76 -2.04
CA ALA A 201 -12.82 -14.08 -0.70
C ALA A 201 -14.27 -14.52 -0.74
N SER A 202 -15.03 -13.90 -1.62
CA SER A 202 -16.47 -14.17 -1.74
C SER A 202 -16.74 -14.89 -3.04
N SER A 203 -15.65 -15.32 -3.65
CA SER A 203 -15.67 -16.07 -4.89
C SER A 203 -16.47 -15.35 -5.97
N THR A 204 -16.44 -14.03 -5.90
CA THR A 204 -17.14 -13.18 -6.87
C THR A 204 -16.23 -12.70 -7.98
N LYS A 205 -16.76 -12.78 -9.18
CA LYS A 205 -16.12 -12.21 -10.37
C LYS A 205 -17.12 -11.46 -11.20
N VAL A 206 -16.85 -10.17 -11.38
CA VAL A 206 -17.76 -9.27 -12.08
C VAL A 206 -17.07 -8.48 -13.19
N ASP A 207 -17.80 -8.37 -14.29
CA ASP A 207 -17.37 -7.57 -15.44
C ASP A 207 -18.43 -6.55 -15.77
N LYS A 208 -18.01 -5.29 -15.68
CA LYS A 208 -18.88 -4.15 -15.92
C LYS A 208 -18.35 -3.26 -17.02
N LYS A 209 -19.03 -3.36 -18.15
CA LYS A 209 -18.77 -2.52 -19.32
C LYS A 209 -19.35 -1.14 -19.06
N ILE A 210 -18.57 -0.14 -19.45
CA ILE A 210 -18.95 1.26 -19.26
C ILE A 210 -19.68 1.81 -20.47
N GLU A 211 -20.96 2.02 -20.24
CA GLU A 211 -21.89 2.56 -21.25
C GLU A 211 -22.08 4.06 -21.02
N PRO A 212 -22.37 4.81 -22.10
CA PRO A 212 -22.51 6.24 -21.85
C PRO A 212 -23.86 6.67 -21.38
N SER A 213 -23.86 7.95 -21.04
CA SER A 213 -24.98 8.66 -20.40
C SER A 213 -24.81 8.62 -18.88
N ASP B 1 15.02 -2.53 24.73
CA ASP B 1 14.99 -2.74 23.27
C ASP B 1 15.60 -1.59 22.52
N VAL B 2 16.40 -1.95 21.53
CA VAL B 2 17.06 -0.97 20.68
C VAL B 2 16.02 -0.25 19.86
N VAL B 3 16.04 1.06 20.02
CA VAL B 3 15.18 1.98 19.28
C VAL B 3 15.99 2.72 18.24
N LEU B 4 15.44 2.73 17.03
CA LEU B 4 16.03 3.40 15.89
C LEU B 4 15.12 4.51 15.38
N THR B 5 15.72 5.68 15.32
CA THR B 5 15.06 6.89 14.88
C THR B 5 15.61 7.36 13.56
N GLN B 6 14.68 7.60 12.66
CA GLN B 6 15.01 8.03 11.31
C GLN B 6 14.67 9.49 11.07
N THR B 7 15.58 10.13 10.37
CA THR B 7 15.46 11.54 10.03
C THR B 7 15.80 11.78 8.56
N PRO B 8 14.91 12.50 7.85
CA PRO B 8 13.64 12.93 8.41
C PRO B 8 12.54 11.92 8.12
N LEU B 9 11.30 12.31 8.40
CA LEU B 9 10.13 11.46 8.10
C LEU B 9 9.89 11.42 6.60
N SER B 10 9.71 12.60 6.04
CA SER B 10 9.63 12.75 4.58
C SER B 10 10.89 13.38 4.03
N LEU B 11 11.01 13.39 2.72
CA LEU B 11 12.23 13.87 2.06
C LEU B 11 12.07 14.04 0.55
N PRO B 12 11.75 15.27 0.12
CA PRO B 12 11.69 15.61 -1.28
C PRO B 12 13.08 15.87 -1.84
N VAL B 13 13.35 15.25 -2.97
CA VAL B 13 14.62 15.43 -3.66
C VAL B 13 14.42 15.46 -5.17
N SER B 14 15.26 16.25 -5.83
CA SER B 14 15.20 16.38 -7.29
C SER B 14 15.90 15.24 -8.01
N LEU B 15 15.35 14.87 -9.15
CA LEU B 15 16.02 13.94 -10.04
C LEU B 15 17.43 14.42 -10.29
N GLY B 16 18.37 13.53 -10.04
CA GLY B 16 19.76 13.76 -10.36
C GLY B 16 20.52 14.24 -9.14
N ASP B 17 19.75 14.68 -8.15
CA ASP B 17 20.33 15.16 -6.89
C ASP B 17 20.63 14.02 -5.93
N GLN B 18 21.54 14.32 -5.03
CA GLN B 18 21.92 13.40 -3.95
C GLN B 18 21.04 13.60 -2.74
N ALA B 19 20.52 12.47 -2.29
CA ALA B 19 19.72 12.40 -1.07
C ALA B 19 20.44 11.57 -0.03
N SER B 20 20.14 11.87 1.22
CA SER B 20 20.69 11.11 2.34
C SER B 20 19.73 11.00 3.50
N ILE B 21 19.63 9.77 3.99
CA ILE B 21 18.75 9.41 5.08
C ILE B 21 19.57 9.04 6.29
N SER B 22 19.11 9.52 7.43
CA SER B 22 19.83 9.40 8.69
C SER B 22 19.06 8.51 9.63
N CYS B 23 19.80 7.61 10.28
CA CYS B 23 19.25 6.69 11.28
C CYS B 23 20.08 6.72 12.55
N ARG B 24 19.36 6.91 13.64
CA ARG B 24 19.93 7.09 14.96
C ARG B 24 19.51 6.02 15.93
N SER B 25 20.50 5.47 16.62
CA SER B 25 20.31 4.33 17.52
C SER B 25 20.43 4.69 18.99
N SER B 26 19.58 4.04 19.78
CA SER B 26 19.47 4.31 21.22
C SER B 26 20.54 3.53 21.95
N GLN B 27 21.26 2.74 21.17
CA GLN B 27 22.38 1.91 21.66
C GLN B 27 23.45 1.65 20.61
N ARG B 28 24.65 1.43 21.10
CA ARG B 28 25.77 1.00 20.25
C ARG B 28 25.44 -0.35 19.64
N LEU B 29 25.76 -0.47 18.36
CA LEU B 29 25.37 -1.62 17.56
C LEU B 29 26.59 -2.40 17.13
N VAL B 30 27.66 -2.24 17.90
CA VAL B 30 28.90 -2.99 17.67
C VAL B 30 28.86 -4.36 18.35
N HIS B 31 28.91 -5.40 17.52
CA HIS B 31 28.92 -6.78 18.01
C HIS B 31 30.26 -7.08 18.64
N SER B 32 30.30 -8.16 19.40
CA SER B 32 31.57 -8.67 19.94
C SER B 32 32.50 -9.03 18.79
N ASN B 33 31.92 -9.55 17.73
CA ASN B 33 32.67 -9.96 16.53
C ASN B 33 33.21 -8.74 15.81
N GLY B 34 32.90 -7.58 16.35
CA GLY B 34 33.46 -6.32 15.86
C GLY B 34 32.66 -5.69 14.74
N ASN B 35 31.62 -6.40 14.33
CA ASN B 35 30.75 -5.96 13.23
C ASN B 35 29.54 -5.16 13.68
N ILE B 36 29.15 -4.21 12.84
CA ILE B 36 27.94 -3.40 13.05
C ILE B 36 26.80 -3.82 12.15
N TYR B 37 25.96 -4.70 12.68
CA TYR B 37 24.84 -5.25 11.91
C TYR B 37 23.72 -4.24 11.81
N LEU B 38 24.01 -3.15 11.12
CA LEU B 38 23.00 -2.14 10.81
C LEU B 38 22.78 -2.12 9.31
N HIS B 39 21.52 -2.25 8.89
CA HIS B 39 21.20 -2.53 7.49
C HIS B 39 20.12 -1.61 6.94
N TRP B 40 20.07 -1.53 5.61
CA TRP B 40 19.18 -0.59 4.92
C TRP B 40 18.28 -1.26 3.90
N PHE B 41 17.01 -0.92 3.97
CA PHE B 41 16.02 -1.43 3.02
C PHE B 41 15.24 -0.31 2.38
N LEU B 42 14.74 -0.65 1.20
CA LEU B 42 13.80 0.21 0.48
C LEU B 42 12.56 -0.57 0.14
N GLN B 43 11.43 0.05 0.50
CA GLN B 43 10.12 -0.49 0.15
C GLN B 43 9.44 0.42 -0.85
N LYS B 44 9.42 -0.06 -2.08
CA LYS B 44 8.73 0.60 -3.19
C LYS B 44 7.25 0.35 -3.01
N PRO B 45 6.40 1.23 -3.56
CA PRO B 45 4.96 1.02 -3.37
C PRO B 45 4.48 -0.29 -3.94
N GLY B 46 3.69 -0.96 -3.12
CA GLY B 46 2.98 -2.17 -3.51
C GLY B 46 3.89 -3.37 -3.41
N GLN B 47 5.15 -3.07 -3.15
CA GLN B 47 6.19 -4.09 -3.05
C GLN B 47 6.58 -4.35 -1.62
N SER B 48 7.40 -5.37 -1.49
CA SER B 48 7.91 -5.81 -0.19
C SER B 48 9.28 -5.19 0.03
N PRO B 49 9.70 -5.02 1.30
CA PRO B 49 10.99 -4.35 1.50
C PRO B 49 12.15 -5.11 0.90
N LYS B 50 13.13 -4.33 0.43
CA LYS B 50 14.29 -4.88 -0.27
C LYS B 50 15.61 -4.34 0.23
N LEU B 51 16.52 -5.27 0.43
CA LEU B 51 17.83 -4.99 1.00
C LEU B 51 18.69 -4.19 0.04
N LEU B 52 19.21 -3.08 0.55
CA LEU B 52 20.15 -2.22 -0.17
C LEU B 52 21.55 -2.39 0.40
N ILE B 53 21.64 -2.07 1.68
CA ILE B 53 22.91 -2.06 2.40
C ILE B 53 22.84 -2.88 3.66
N TYR B 54 23.84 -3.75 3.81
CA TYR B 54 23.95 -4.59 5.00
C TYR B 54 25.30 -4.40 5.68
N LYS B 55 25.30 -4.65 6.98
CA LYS B 55 26.48 -4.48 7.82
C LYS B 55 27.12 -3.12 7.59
N LEU B 56 26.24 -2.13 7.50
CA LEU B 56 26.61 -0.73 7.60
C LEU B 56 26.93 -0.14 6.25
N SER B 57 27.73 -0.88 5.50
CA SER B 57 28.35 -0.29 4.29
C SER B 57 28.51 -1.24 3.13
N SER B 58 28.09 -2.49 3.33
CA SER B 58 28.18 -3.52 2.29
C SER B 58 26.94 -3.55 1.43
N ARG B 59 27.17 -3.45 0.13
CA ARG B 59 26.10 -3.33 -0.85
C ARG B 59 25.70 -4.67 -1.45
N PHE B 60 24.41 -4.93 -1.33
CA PHE B 60 23.81 -6.18 -1.85
C PHE B 60 23.84 -6.24 -3.37
N SER B 61 23.82 -7.46 -3.90
CA SER B 61 23.89 -7.67 -5.34
C SER B 61 22.74 -7.00 -6.04
N GLY B 62 23.07 -6.46 -7.20
CA GLY B 62 22.10 -5.92 -8.12
C GLY B 62 21.73 -4.52 -7.72
N VAL B 63 22.27 -4.12 -6.59
CA VAL B 63 22.02 -2.78 -6.06
C VAL B 63 23.05 -1.83 -6.63
N PRO B 64 22.59 -0.78 -7.35
CA PRO B 64 23.46 0.24 -7.94
C PRO B 64 24.43 0.89 -6.96
N ASP B 65 25.62 1.12 -7.49
CA ASP B 65 26.72 1.76 -6.73
C ASP B 65 26.35 3.15 -6.29
N ARG B 66 25.24 3.62 -6.84
CA ARG B 66 24.69 4.94 -6.50
C ARG B 66 24.36 4.97 -5.02
N PHE B 67 24.09 3.78 -4.52
CA PHE B 67 23.66 3.58 -3.13
C PHE B 67 24.86 3.26 -2.25
N SER B 68 24.97 4.02 -1.17
CA SER B 68 26.02 3.79 -0.20
C SER B 68 25.60 4.12 1.23
N GLY B 69 26.21 3.40 2.15
CA GLY B 69 25.96 3.58 3.56
C GLY B 69 27.22 3.71 4.37
N SER B 70 27.14 4.62 5.33
CA SER B 70 28.20 4.82 6.33
C SER B 70 27.58 5.12 7.69
N GLY B 71 28.43 5.52 8.63
CA GLY B 71 27.97 5.92 9.95
C GLY B 71 28.96 5.69 11.06
N SER B 72 28.63 6.21 12.23
CA SER B 72 29.57 6.28 13.35
C SER B 72 28.93 6.02 14.70
N GLY B 73 29.06 4.79 15.17
CA GLY B 73 28.65 4.41 16.52
C GLY B 73 27.16 4.30 16.72
N THR B 74 26.49 5.44 16.68
CA THR B 74 25.04 5.49 16.97
C THR B 74 24.33 6.44 16.03
N ASP B 75 25.09 6.89 15.04
CA ASP B 75 24.54 7.67 13.93
C ASP B 75 24.91 7.01 12.60
N PHE B 76 23.91 6.86 11.74
CA PHE B 76 24.09 6.14 10.48
C PHE B 76 23.43 6.85 9.31
N THR B 77 24.10 6.82 8.17
CA THR B 77 23.61 7.49 6.97
C THR B 77 23.57 6.60 5.77
N LEU B 78 22.48 6.74 5.05
CA LEU B 78 22.34 6.17 3.72
C LEU B 78 22.35 7.32 2.73
N LYS B 79 23.25 7.18 1.76
CA LYS B 79 23.39 8.16 0.69
C LYS B 79 22.95 7.57 -0.64
N ILE B 80 22.08 8.32 -1.30
CA ILE B 80 21.65 8.01 -2.67
C ILE B 80 22.13 9.12 -3.57
N SER B 81 23.09 8.76 -4.42
CA SER B 81 24.00 9.73 -5.03
C SER B 81 23.36 10.51 -6.15
N ARG B 82 22.68 9.78 -7.02
CA ARG B 82 22.08 10.38 -8.21
C ARG B 82 20.66 9.90 -8.41
N VAL B 83 19.78 10.54 -7.68
CA VAL B 83 18.40 10.06 -7.54
C VAL B 83 17.69 9.94 -8.87
N GLU B 84 17.14 8.74 -9.03
CA GLU B 84 16.24 8.42 -10.12
C GLU B 84 14.84 8.22 -9.57
N SER B 85 13.93 7.91 -10.47
CA SER B 85 12.53 7.87 -10.11
C SER B 85 12.20 6.58 -9.39
N GLU B 86 12.77 5.51 -9.89
CA GLU B 86 12.44 4.18 -9.35
C GLU B 86 12.75 4.18 -7.87
N ASP B 87 13.38 5.25 -7.43
CA ASP B 87 14.01 5.26 -6.11
C ASP B 87 13.04 5.63 -5.02
N LEU B 88 11.85 6.02 -5.46
CA LEU B 88 10.81 6.51 -4.53
C LEU B 88 10.17 5.40 -3.71
N GLY B 89 9.95 5.73 -2.45
CA GLY B 89 9.31 4.83 -1.47
C GLY B 89 9.72 5.10 -0.05
N ILE B 90 9.54 4.09 0.78
CA ILE B 90 9.90 4.16 2.19
C ILE B 90 11.19 3.44 2.45
N TYR B 91 12.07 4.16 3.10
CA TYR B 91 13.39 3.68 3.46
C TYR B 91 13.45 3.35 4.94
N TYR B 92 13.95 2.16 5.21
CA TYR B 92 14.11 1.64 6.57
C TYR B 92 15.50 1.24 6.91
N CYS B 93 15.88 1.58 8.14
CA CYS B 93 17.05 1.01 8.78
C CYS B 93 16.60 -0.08 9.73
N SER B 94 17.51 -1.03 9.95
CA SER B 94 17.30 -2.09 10.95
C SER B 94 18.60 -2.47 11.64
N GLN B 95 18.43 -3.09 12.79
CA GLN B 95 19.57 -3.62 13.57
C GLN B 95 19.37 -5.08 13.91
N THR B 96 20.48 -5.80 13.92
CA THR B 96 20.48 -7.22 14.28
C THR B 96 21.67 -7.59 15.14
N THR B 97 22.22 -6.57 15.79
CA THR B 97 23.27 -6.76 16.79
C THR B 97 22.63 -7.31 18.03
N HIS B 98 21.45 -6.78 18.32
CA HIS B 98 20.70 -7.11 19.52
C HIS B 98 19.33 -7.66 19.25
N VAL B 99 19.01 -8.69 20.01
CA VAL B 99 17.66 -9.27 20.04
C VAL B 99 16.86 -8.53 21.11
N PRO B 100 15.62 -8.11 20.78
CA PRO B 100 14.96 -8.32 19.50
C PRO B 100 15.42 -7.38 18.42
N TYR B 101 15.38 -7.91 17.21
CA TYR B 101 15.71 -7.14 16.01
C TYR B 101 14.65 -6.08 15.82
N THR B 102 15.11 -4.87 15.55
CA THR B 102 14.22 -3.71 15.46
C THR B 102 14.45 -2.89 14.21
N PHE B 103 13.36 -2.31 13.75
CA PHE B 103 13.35 -1.43 12.57
C PHE B 103 13.08 0.01 12.92
N GLY B 104 13.70 0.89 12.16
CA GLY B 104 13.37 2.30 12.16
C GLY B 104 12.00 2.52 11.57
N GLY B 105 11.42 3.66 11.91
CA GLY B 105 10.03 3.99 11.60
C GLY B 105 9.76 4.28 10.14
N GLY B 106 10.85 4.40 9.40
CA GLY B 106 10.80 4.68 7.96
C GLY B 106 10.92 6.14 7.57
N THR B 107 11.45 6.33 6.38
CA THR B 107 11.57 7.67 5.78
C THR B 107 11.09 7.66 4.35
N LYS B 108 10.04 8.43 4.10
CA LYS B 108 9.47 8.48 2.75
C LYS B 108 10.28 9.41 1.91
N LEU B 109 10.68 8.87 0.75
CA LEU B 109 11.43 9.63 -0.24
C LEU B 109 10.53 10.04 -1.38
N GLU B 110 10.26 11.33 -1.39
CA GLU B 110 9.45 11.97 -2.44
C GLU B 110 10.37 12.66 -3.44
N ILE B 111 10.00 12.52 -4.70
CA ILE B 111 10.73 13.15 -5.80
C ILE B 111 10.21 14.53 -6.11
N LYS B 112 11.12 15.49 -6.03
CA LYS B 112 10.83 16.88 -6.38
C LYS B 112 10.45 17.00 -7.83
N ARG B 113 9.43 17.81 -8.07
CA ARG B 113 8.83 17.93 -9.38
C ARG B 113 8.21 19.30 -9.60
N ALA B 114 7.80 19.49 -10.85
CA ALA B 114 7.15 20.73 -11.28
C ALA B 114 5.73 20.71 -10.75
N ASP B 115 5.44 21.64 -9.86
CA ASP B 115 4.08 21.76 -9.35
C ASP B 115 3.16 21.43 -10.51
N ALA B 116 2.09 20.72 -10.19
CA ALA B 116 1.15 20.26 -11.19
C ALA B 116 -0.22 20.18 -10.56
N ALA B 117 -1.19 20.71 -11.29
CA ALA B 117 -2.56 20.79 -10.81
C ALA B 117 -3.36 19.55 -11.19
N PRO B 118 -4.32 19.18 -10.33
CA PRO B 118 -5.12 18.00 -10.57
C PRO B 118 -6.02 18.13 -11.77
N THR B 119 -6.20 17.00 -12.44
CA THR B 119 -7.20 16.84 -13.47
C THR B 119 -8.44 16.27 -12.81
N VAL B 120 -9.46 17.11 -12.74
CA VAL B 120 -10.66 16.80 -11.95
C VAL B 120 -11.80 16.25 -12.79
N SER B 121 -12.50 15.30 -12.18
CA SER B 121 -13.65 14.66 -12.81
C SER B 121 -14.70 14.30 -11.78
N ILE B 122 -15.94 14.66 -12.10
CA ILE B 122 -17.09 14.39 -11.24
C ILE B 122 -17.99 13.35 -11.86
N PHE B 123 -18.53 12.49 -11.00
CA PHE B 123 -19.27 11.30 -11.43
C PHE B 123 -20.56 11.07 -10.66
N PRO B 124 -21.66 10.87 -11.38
CA PRO B 124 -22.98 10.63 -10.78
C PRO B 124 -23.24 9.16 -10.44
N PRO B 125 -24.15 8.91 -9.49
CA PRO B 125 -24.56 7.56 -9.11
C PRO B 125 -25.02 6.73 -10.28
N SER B 126 -24.64 5.47 -10.25
CA SER B 126 -25.05 4.51 -11.29
C SER B 126 -26.53 4.22 -11.18
N SER B 127 -27.06 3.73 -12.28
CA SER B 127 -28.44 3.22 -12.33
C SER B 127 -28.54 2.13 -11.29
N GLU B 128 -27.58 1.24 -11.43
CA GLU B 128 -27.48 0.03 -10.58
C GLU B 128 -27.55 0.45 -9.14
N GLN B 129 -26.68 1.38 -8.80
CA GLN B 129 -26.55 1.84 -7.43
C GLN B 129 -27.83 2.52 -6.98
N LEU B 130 -28.41 3.27 -7.92
CA LEU B 130 -29.65 4.02 -7.66
C LEU B 130 -30.79 3.08 -7.34
N THR B 131 -30.74 1.92 -7.98
CA THR B 131 -31.78 0.91 -7.84
C THR B 131 -31.80 0.39 -6.42
N SER B 132 -30.61 0.28 -5.86
CA SER B 132 -30.39 -0.41 -4.58
C SER B 132 -30.70 0.52 -3.44
N GLY B 133 -30.94 1.77 -3.80
CA GLY B 133 -31.30 2.81 -2.84
C GLY B 133 -30.04 3.52 -2.39
N GLY B 134 -29.02 3.34 -3.20
CA GLY B 134 -27.72 3.96 -2.99
C GLY B 134 -27.45 5.13 -3.92
N ALA B 135 -26.72 6.09 -3.39
CA ALA B 135 -26.29 7.25 -4.16
C ALA B 135 -24.87 7.68 -3.82
N SER B 136 -23.98 7.36 -4.73
CA SER B 136 -22.58 7.75 -4.61
C SER B 136 -22.13 8.63 -5.75
N VAL B 137 -21.50 9.71 -5.35
CA VAL B 137 -20.91 10.66 -6.26
C VAL B 137 -19.41 10.64 -6.09
N VAL B 138 -18.75 10.34 -7.20
CA VAL B 138 -17.31 10.17 -7.23
C VAL B 138 -16.59 11.31 -7.92
N CYS B 139 -15.50 11.71 -7.28
CA CYS B 139 -14.64 12.76 -7.81
C CYS B 139 -13.18 12.35 -7.77
N PHE B 140 -12.59 12.37 -8.96
CA PHE B 140 -11.17 12.06 -9.13
C PHE B 140 -10.37 13.33 -9.30
N LEU B 141 -9.25 13.34 -8.58
CA LEU B 141 -8.23 14.38 -8.68
C LEU B 141 -6.91 13.74 -9.02
N ASN B 142 -6.62 13.70 -10.31
CA ASN B 142 -5.51 12.92 -10.85
C ASN B 142 -4.30 13.72 -11.25
N ASN B 143 -3.15 13.10 -11.05
CA ASN B 143 -1.88 13.54 -11.62
C ASN B 143 -1.53 14.95 -11.21
N PHE B 144 -1.56 15.17 -9.90
CA PHE B 144 -1.17 16.47 -9.33
C PHE B 144 0.06 16.36 -8.48
N TYR B 145 0.58 17.54 -8.18
CA TYR B 145 1.78 17.66 -7.33
C TYR B 145 2.03 19.10 -6.84
N PRO B 146 2.26 19.28 -5.53
CA PRO B 146 2.49 18.19 -4.57
C PRO B 146 1.27 17.55 -3.98
N LYS B 147 1.51 16.83 -2.90
CA LYS B 147 0.55 15.86 -2.35
C LYS B 147 -0.57 16.57 -1.62
N ASP B 148 -0.20 17.67 -0.99
CA ASP B 148 -1.13 18.45 -0.18
C ASP B 148 -2.31 18.91 -1.03
N ILE B 149 -3.48 18.46 -0.62
CA ILE B 149 -4.70 18.76 -1.37
C ILE B 149 -5.97 18.53 -0.58
N ASN B 150 -6.73 19.60 -0.47
CA ASN B 150 -8.01 19.56 0.22
C ASN B 150 -9.15 19.57 -0.74
N VAL B 151 -10.19 18.84 -0.34
CA VAL B 151 -11.45 18.81 -1.06
C VAL B 151 -12.65 19.16 -0.21
N LYS B 152 -13.62 19.74 -0.92
CA LYS B 152 -14.94 20.07 -0.38
C LYS B 152 -16.02 19.50 -1.26
N TRP B 153 -17.08 19.06 -0.61
CA TRP B 153 -18.25 18.50 -1.27
C TRP B 153 -19.48 19.33 -1.02
N LYS B 154 -19.91 20.06 -2.04
CA LYS B 154 -21.07 20.96 -1.95
C LYS B 154 -22.33 20.44 -2.62
N ILE B 155 -23.39 20.42 -1.82
CA ILE B 155 -24.73 20.07 -2.28
C ILE B 155 -25.63 21.28 -2.21
N ASP B 156 -26.11 21.65 -3.39
CA ASP B 156 -26.99 22.82 -3.57
C ASP B 156 -26.41 24.06 -2.92
N GLY B 157 -25.10 24.18 -3.11
CA GLY B 157 -24.36 25.40 -2.83
C GLY B 157 -23.61 25.33 -1.54
N SER B 158 -24.19 24.63 -0.57
CA SER B 158 -23.59 24.51 0.76
C SER B 158 -22.87 23.19 0.95
N GLU B 159 -22.12 23.13 2.03
CA GLU B 159 -21.06 22.13 2.20
C GLU B 159 -21.47 20.92 3.03
N ARG B 160 -21.34 19.74 2.42
CA ARG B 160 -21.51 18.47 3.13
C ARG B 160 -20.19 18.05 3.76
N GLN B 161 -20.29 17.36 4.88
CA GLN B 161 -19.10 16.87 5.58
C GLN B 161 -19.37 15.61 6.38
N ASN B 162 -20.46 14.95 6.02
CA ASN B 162 -20.78 13.62 6.54
C ASN B 162 -21.07 12.65 5.41
N GLY B 163 -20.19 11.67 5.29
CA GLY B 163 -20.34 10.62 4.29
C GLY B 163 -19.32 10.75 3.17
N VAL B 164 -18.15 11.25 3.53
CA VAL B 164 -17.07 11.47 2.58
C VAL B 164 -15.92 10.50 2.77
N LEU B 165 -15.64 9.74 1.72
CA LEU B 165 -14.51 8.80 1.71
C LEU B 165 -13.43 9.23 0.74
N ASN B 166 -12.25 9.40 1.30
CA ASN B 166 -11.07 9.85 0.57
C ASN B 166 -9.97 8.82 0.51
N SER B 167 -9.38 8.71 -0.66
CA SER B 167 -8.22 7.84 -0.88
C SER B 167 -7.19 8.46 -1.79
N TRP B 168 -5.95 8.38 -1.31
CA TRP B 168 -4.79 8.89 -2.02
C TRP B 168 -3.89 7.77 -2.49
N THR B 169 -3.31 7.98 -3.66
CA THR B 169 -2.32 7.06 -4.18
C THR B 169 -0.94 7.48 -3.73
N ASP B 170 -0.04 6.50 -3.72
CA ASP B 170 1.40 6.75 -3.58
C ASP B 170 1.92 7.44 -4.83
N GLN B 171 3.05 8.12 -4.67
CA GLN B 171 3.67 8.84 -5.78
C GLN B 171 3.98 7.92 -6.93
N ASP B 172 3.45 8.31 -8.08
CA ASP B 172 3.71 7.64 -9.35
C ASP B 172 5.11 7.98 -9.82
N SER B 173 5.87 6.93 -10.12
CA SER B 173 7.30 7.05 -10.44
C SER B 173 7.43 7.23 -11.93
N LYS B 174 6.29 7.14 -12.57
CA LYS B 174 6.20 7.28 -14.03
C LYS B 174 6.26 8.75 -14.40
N ASP B 175 5.81 9.58 -13.47
CA ASP B 175 5.74 11.03 -13.70
C ASP B 175 5.79 11.86 -12.42
N SER B 176 5.98 11.15 -11.32
CA SER B 176 6.19 11.77 -10.00
C SER B 176 4.97 12.50 -9.49
N THR B 177 3.83 12.06 -9.98
CA THR B 177 2.55 12.68 -9.65
C THR B 177 1.70 11.82 -8.74
N TYR B 178 0.90 12.53 -7.94
CA TYR B 178 -0.08 11.91 -7.06
C TYR B 178 -1.45 11.92 -7.65
N SER B 179 -2.32 11.18 -6.97
CA SER B 179 -3.72 11.04 -7.37
C SER B 179 -4.65 10.72 -6.21
N MET B 180 -5.82 11.34 -6.26
CA MET B 180 -6.84 11.17 -5.22
C MET B 180 -8.21 10.87 -5.77
N SER B 181 -8.98 10.24 -4.90
CA SER B 181 -10.36 9.92 -5.16
C SER B 181 -11.20 10.22 -3.94
N SER B 182 -12.33 10.85 -4.19
CA SER B 182 -13.28 11.16 -3.12
C SER B 182 -14.68 10.74 -3.49
N THR B 183 -15.30 10.03 -2.56
CA THR B 183 -16.65 9.52 -2.74
C THR B 183 -17.58 10.02 -1.66
N LEU B 184 -18.54 10.80 -2.11
CA LEU B 184 -19.65 11.25 -1.26
C LEU B 184 -20.77 10.25 -1.43
N THR B 185 -21.24 9.74 -0.31
CA THR B 185 -22.32 8.76 -0.32
C THR B 185 -23.50 9.17 0.54
N LEU B 186 -24.64 9.19 -0.13
CA LEU B 186 -25.92 9.52 0.49
C LEU B 186 -26.99 8.51 0.13
N THR B 187 -28.11 8.69 0.79
CA THR B 187 -29.30 7.87 0.55
C THR B 187 -29.97 8.37 -0.71
N LYS B 188 -30.50 7.42 -1.48
CA LYS B 188 -31.15 7.70 -2.77
C LYS B 188 -32.14 8.85 -2.60
N ASP B 189 -32.73 8.88 -1.42
CA ASP B 189 -33.63 9.97 -1.04
C ASP B 189 -32.84 11.27 -1.00
N GLU B 190 -32.02 11.36 0.04
CA GLU B 190 -31.26 12.58 0.36
C GLU B 190 -30.66 13.17 -0.90
N TYR B 191 -30.56 12.30 -1.89
CA TYR B 191 -29.89 12.64 -3.15
C TYR B 191 -30.84 13.41 -4.03
N GLU B 192 -31.94 12.75 -4.34
CA GLU B 192 -32.91 13.23 -5.34
C GLU B 192 -33.66 14.43 -4.80
N ARG B 193 -33.20 14.90 -3.66
CA ARG B 193 -33.82 16.03 -2.95
C ARG B 193 -33.04 17.30 -3.22
N HIS B 194 -31.99 17.11 -4.00
CA HIS B 194 -31.13 18.24 -4.39
C HIS B 194 -30.71 18.13 -5.84
N ASN B 195 -30.22 19.25 -6.34
CA ASN B 195 -30.01 19.44 -7.78
C ASN B 195 -28.55 19.44 -8.16
N SER B 196 -27.84 20.36 -7.55
CA SER B 196 -26.43 20.60 -7.89
C SER B 196 -25.50 19.84 -6.99
N TYR B 197 -24.55 19.20 -7.64
CA TYR B 197 -23.47 18.46 -6.97
C TYR B 197 -22.13 18.97 -7.44
N THR B 198 -21.43 19.53 -6.47
CA THR B 198 -20.14 20.16 -6.72
C THR B 198 -19.04 19.52 -5.92
N CYS B 199 -17.94 19.36 -6.63
CA CYS B 199 -16.70 18.82 -6.09
C CYS B 199 -15.61 19.89 -6.18
N GLU B 200 -15.20 20.35 -5.01
CA GLU B 200 -14.24 21.45 -4.90
C GLU B 200 -12.88 21.02 -4.38
N ALA B 201 -11.88 21.43 -5.13
CA ALA B 201 -10.49 21.06 -4.87
C ALA B 201 -9.62 22.27 -4.64
N THR B 202 -8.90 22.22 -3.53
CA THR B 202 -7.93 23.24 -3.17
C THR B 202 -6.52 22.71 -3.23
N HIS B 203 -5.63 23.59 -3.64
CA HIS B 203 -4.28 23.20 -4.08
C HIS B 203 -3.40 24.41 -4.37
N LYS B 204 -2.10 24.19 -4.29
CA LYS B 204 -1.13 25.29 -4.43
C LYS B 204 -1.12 25.85 -5.84
N THR B 205 -1.51 25.00 -6.78
CA THR B 205 -1.36 25.31 -8.21
C THR B 205 -2.39 26.35 -8.62
N SER B 206 -3.26 26.63 -7.66
CA SER B 206 -4.35 27.59 -7.87
C SER B 206 -4.77 28.26 -6.57
N THR B 207 -4.81 29.59 -6.65
CA THR B 207 -5.14 30.44 -5.50
C THR B 207 -6.63 30.34 -5.29
N SER B 208 -7.26 29.67 -6.24
CA SER B 208 -8.71 29.49 -6.26
C SER B 208 -9.08 28.02 -6.43
N PRO B 209 -10.20 27.60 -5.82
CA PRO B 209 -10.56 26.19 -5.95
C PRO B 209 -10.92 25.78 -7.35
N ILE B 210 -10.51 24.56 -7.67
CA ILE B 210 -10.89 23.89 -8.91
C ILE B 210 -12.24 23.22 -8.73
N VAL B 211 -13.16 23.66 -9.57
CA VAL B 211 -14.56 23.25 -9.49
C VAL B 211 -14.99 22.39 -10.64
N LYS B 212 -15.57 21.26 -10.26
CA LYS B 212 -16.29 20.37 -11.17
C LYS B 212 -17.66 20.03 -10.60
N SER B 213 -18.64 20.03 -11.50
CA SER B 213 -20.03 19.80 -11.09
C SER B 213 -20.94 19.18 -12.11
N PHE B 214 -22.14 19.00 -11.62
CA PHE B 214 -23.28 18.50 -12.40
C PHE B 214 -24.61 18.70 -11.72
N ASN B 215 -25.62 18.69 -12.57
CA ASN B 215 -27.01 18.89 -12.19
C ASN B 215 -27.77 17.59 -12.36
N ARG B 216 -28.45 17.21 -11.29
CA ARG B 216 -29.14 15.90 -11.21
C ARG B 216 -30.36 15.83 -12.11
#